data_3U0E
#
_entry.id   3U0E
#
_cell.length_a   78.070
_cell.length_b   83.750
_cell.length_c   73.610
_cell.angle_alpha   90.00
_cell.angle_beta   121.50
_cell.angle_gamma   90.00
#
_symmetry.space_group_name_H-M   'C 1 2 1'
#
loop_
_entity.id
_entity.type
_entity.pdbx_description
1 polymer 'Beta-ketoacyl synthase'
2 non-polymer 'SODIUM ION'
3 non-polymer 'CHLORIDE ION'
4 non-polymer 8-methylquinolin-4-amine
5 water water
#
_entity_poly.entity_id   1
_entity_poly.type   'polypeptide(L)'
_entity_poly.pdbx_seq_one_letter_code
;MAHHHHHHMGTLEAQTQGPGSMRRVVVTGMGIVSSIGSNTEEVTASLREAKSGISRAEEYAELGFRCQVHGAPDIDIESL
VDRRAMRFHGRGTAWNHIAMDQAIADAGLTEEEVSNERTGIIMGSGGPSTRTIVDSADITREKGPKRVGPFAVPKAMSST
ASATLATFFKIKGINYSISSACATSNHCIGNAYEMIQYGKQDRMFAGGCEDLDWTLSVLFDAMGAMSSKYNDTPSTASRA
YDKNRDGFVIAGGAGVLVLEDLETALARGAKIYGEIVGYGATSDGYDMVAPSGEGAIRCMKMALSTVTSKIDYINPHATS
TPAGDAPEIEAIRQIFGAGDVCPPIAATKSLTGHSLGATGVQEAIYSLLMMQNNFICESAHIEELDPAFADMPIVRKRID
NVQLNTVLSNSFGFGGTNATLVFQRYQG
;
_entity_poly.pdbx_strand_id   A
#
loop_
_chem_comp.id
_chem_comp.type
_chem_comp.name
_chem_comp.formula
07K non-polymer 8-methylquinolin-4-amine 'C10 H10 N2'
CL non-polymer 'CHLORIDE ION' 'Cl -1'
NA non-polymer 'SODIUM ION' 'Na 1'
#
# COMPACT_ATOMS: atom_id res chain seq x y z
N MET A 22 25.12 9.09 -5.96
CA MET A 22 23.88 8.32 -6.19
CA MET A 22 23.83 8.34 -6.12
C MET A 22 22.92 9.11 -7.08
N ARG A 23 22.24 8.39 -7.96
CA ARG A 23 21.31 8.99 -8.89
C ARG A 23 19.99 9.36 -8.22
N ARG A 24 19.33 10.36 -8.79
CA ARG A 24 18.00 10.78 -8.37
C ARG A 24 16.98 9.85 -9.06
N VAL A 25 15.86 9.62 -8.38
CA VAL A 25 14.85 8.64 -8.78
C VAL A 25 13.45 9.27 -8.70
N VAL A 26 12.67 9.14 -9.79
CA VAL A 26 11.34 9.78 -9.90
C VAL A 26 10.27 8.73 -10.22
N VAL A 27 9.04 9.05 -9.85
CA VAL A 27 7.85 8.27 -10.16
C VAL A 27 7.24 8.80 -11.43
N THR A 28 7.11 7.94 -12.43
CA THR A 28 6.68 8.37 -13.78
C THR A 28 5.37 7.75 -14.21
N GLY A 29 4.78 6.89 -13.38
CA GLY A 29 3.51 6.28 -13.71
C GLY A 29 2.94 5.57 -12.50
N MET A 30 1.62 5.47 -12.40
CA MET A 30 0.94 4.87 -11.24
CA MET A 30 1.02 4.73 -11.30
C MET A 30 -0.22 3.98 -11.75
N GLY A 31 -0.51 2.90 -11.04
CA GLY A 31 -1.72 2.12 -11.26
C GLY A 31 -2.22 1.59 -9.93
N ILE A 32 -3.53 1.43 -9.84
CA ILE A 32 -4.13 1.05 -8.55
C ILE A 32 -5.45 0.33 -8.70
N VAL A 33 -5.63 -0.68 -7.86
CA VAL A 33 -6.95 -1.32 -7.62
C VAL A 33 -7.18 -1.26 -6.12
N SER A 34 -8.22 -0.54 -5.69
CA SER A 34 -8.44 -0.30 -4.27
C SER A 34 -9.88 -0.44 -3.89
N SER A 35 -10.09 -0.59 -2.60
CA SER A 35 -11.46 -0.53 -2.08
C SER A 35 -12.13 0.83 -2.29
N ILE A 36 -11.34 1.89 -2.55
CA ILE A 36 -11.90 3.21 -2.83
C ILE A 36 -11.79 3.64 -4.31
N GLY A 37 -11.40 2.71 -5.18
CA GLY A 37 -11.53 2.94 -6.62
C GLY A 37 -10.70 2.02 -7.46
N SER A 38 -11.11 1.88 -8.72
CA SER A 38 -10.47 0.91 -9.62
C SER A 38 -9.44 1.56 -10.56
N ASN A 39 -9.15 2.82 -10.34
CA ASN A 39 -8.11 3.58 -11.06
C ASN A 39 -7.85 4.86 -10.26
N THR A 40 -6.86 5.64 -10.69
CA THR A 40 -6.49 6.83 -9.95
C THR A 40 -7.58 7.89 -9.93
N GLU A 41 -8.37 8.02 -10.98
CA GLU A 41 -9.46 8.97 -10.97
C GLU A 41 -10.50 8.65 -9.94
N GLU A 42 -10.91 7.39 -9.87
CA GLU A 42 -11.89 6.97 -8.88
C GLU A 42 -11.35 7.18 -7.47
N VAL A 43 -10.09 6.81 -7.26
CA VAL A 43 -9.46 6.94 -5.96
C VAL A 43 -9.38 8.38 -5.52
N THR A 44 -9.03 9.28 -6.45
CA THR A 44 -8.99 10.70 -6.13
C THR A 44 -10.35 11.22 -5.71
N ALA A 45 -11.39 10.82 -6.42
CA ALA A 45 -12.72 11.23 -6.05
C ALA A 45 -13.13 10.75 -4.65
N SER A 46 -12.79 9.52 -4.28
CA SER A 46 -13.08 8.98 -2.96
C SER A 46 -12.34 9.72 -1.86
N LEU A 47 -11.08 10.08 -2.12
CA LEU A 47 -10.27 10.81 -1.18
C LEU A 47 -10.87 12.18 -0.95
N ARG A 48 -11.25 12.85 -2.04
CA ARG A 48 -11.79 14.19 -1.92
CA ARG A 48 -11.85 14.20 -1.97
C ARG A 48 -13.12 14.24 -1.18
N GLU A 49 -13.96 13.23 -1.40
CA GLU A 49 -15.28 13.20 -0.83
C GLU A 49 -15.39 12.37 0.44
N ALA A 50 -14.26 11.85 0.92
CA ALA A 50 -14.26 10.95 2.06
C ALA A 50 -15.29 9.83 1.92
N LYS A 51 -15.26 9.18 0.76
CA LYS A 51 -16.18 8.08 0.50
CA LYS A 51 -16.18 8.07 0.46
C LYS A 51 -15.53 6.78 0.94
N SER A 52 -16.17 6.13 1.89
CA SER A 52 -15.66 4.91 2.45
C SER A 52 -15.72 3.79 1.46
N GLY A 53 -14.69 2.94 1.53
CA GLY A 53 -14.61 1.71 0.74
C GLY A 53 -15.03 0.48 1.50
N ILE A 54 -15.53 0.63 2.73
CA ILE A 54 -15.82 -0.50 3.63
C ILE A 54 -17.30 -0.91 3.55
N SER A 55 -17.56 -2.20 3.45
CA SER A 55 -18.89 -2.75 3.34
C SER A 55 -19.03 -4.02 4.21
N ARG A 56 -20.27 -4.48 4.37
CA ARG A 56 -20.53 -5.76 5.07
C ARG A 56 -19.93 -6.94 4.31
N ALA A 57 -19.31 -7.84 5.06
CA ALA A 57 -18.77 -9.13 4.55
C ALA A 57 -19.70 -10.23 5.00
N GLU A 58 -20.73 -10.50 4.19
CA GLU A 58 -21.73 -11.49 4.58
C GLU A 58 -21.13 -12.87 4.83
N GLU A 59 -20.11 -13.20 4.05
CA GLU A 59 -19.47 -14.49 4.19
C GLU A 59 -18.81 -14.64 5.56
N TYR A 60 -18.24 -13.55 6.09
CA TYR A 60 -17.61 -13.60 7.40
C TYR A 60 -18.66 -13.92 8.47
N ALA A 61 -19.85 -13.33 8.33
CA ALA A 61 -20.91 -13.57 9.27
C ALA A 61 -21.36 -15.03 9.19
N GLU A 62 -21.46 -15.57 7.99
CA GLU A 62 -21.88 -16.96 7.78
C GLU A 62 -20.92 -17.94 8.40
N LEU A 63 -19.62 -17.60 8.37
CA LEU A 63 -18.59 -18.47 8.93
C LEU A 63 -18.36 -18.26 10.42
N GLY A 64 -19.06 -17.29 11.00
CA GLY A 64 -19.02 -17.08 12.44
C GLY A 64 -17.96 -16.14 12.94
N PHE A 65 -17.42 -15.31 12.07
CA PHE A 65 -16.46 -14.32 12.48
C PHE A 65 -17.08 -13.30 13.44
N ARG A 66 -16.26 -12.68 14.27
CA ARG A 66 -16.68 -11.50 15.04
C ARG A 66 -16.75 -10.30 14.11
N CYS A 67 -15.67 -10.08 13.36
CA CYS A 67 -15.64 -8.96 12.40
C CYS A 67 -16.42 -9.34 11.14
N GLN A 68 -17.34 -8.47 10.68
CA GLN A 68 -18.18 -8.77 9.48
C GLN A 68 -18.15 -7.60 8.49
N VAL A 69 -16.97 -7.01 8.33
CA VAL A 69 -16.74 -5.88 7.41
C VAL A 69 -15.45 -6.14 6.66
N HIS A 70 -15.37 -5.55 5.49
CA HIS A 70 -14.15 -5.64 4.63
C HIS A 70 -14.12 -4.50 3.64
N GLY A 71 -12.96 -4.32 3.04
CA GLY A 71 -12.78 -3.34 1.95
C GLY A 71 -12.52 -4.07 0.66
N ALA A 72 -13.57 -4.28 -0.12
CA ALA A 72 -13.50 -5.07 -1.33
C ALA A 72 -13.41 -4.19 -2.56
N PRO A 73 -12.40 -4.41 -3.42
CA PRO A 73 -12.45 -3.81 -4.75
C PRO A 73 -13.72 -4.19 -5.53
N ASP A 74 -14.13 -3.33 -6.43
CA ASP A 74 -15.29 -3.57 -7.30
C ASP A 74 -14.77 -3.38 -8.74
N ILE A 75 -14.31 -4.47 -9.30
CA ILE A 75 -13.63 -4.45 -10.60
C ILE A 75 -13.82 -5.82 -11.28
N ASP A 76 -14.08 -5.77 -12.61
CA ASP A 76 -14.36 -6.95 -13.41
C ASP A 76 -13.05 -7.46 -14.00
N ILE A 77 -12.42 -8.39 -13.28
CA ILE A 77 -11.12 -8.91 -13.72
C ILE A 77 -11.13 -9.49 -15.13
N GLU A 78 -12.15 -10.30 -15.46
CA GLU A 78 -12.18 -11.00 -16.75
CA GLU A 78 -12.11 -11.01 -16.74
C GLU A 78 -12.25 -10.06 -17.94
N SER A 79 -12.78 -8.87 -17.70
CA SER A 79 -12.85 -7.85 -18.73
C SER A 79 -11.52 -7.13 -18.97
N LEU A 80 -10.56 -7.31 -18.08
CA LEU A 80 -9.32 -6.54 -18.11
C LEU A 80 -8.06 -7.40 -18.24
N VAL A 81 -8.16 -8.70 -17.96
CA VAL A 81 -7.05 -9.63 -18.05
C VAL A 81 -7.62 -10.86 -18.79
N ASP A 82 -7.01 -11.23 -19.90
CA ASP A 82 -7.56 -12.31 -20.71
C ASP A 82 -7.25 -13.68 -20.07
N ARG A 83 -7.98 -14.67 -20.57
CA ARG A 83 -7.97 -15.97 -19.89
C ARG A 83 -6.58 -16.60 -19.80
N ARG A 84 -5.80 -16.55 -20.86
CA ARG A 84 -4.52 -17.22 -20.85
C ARG A 84 -3.59 -16.46 -19.92
N ALA A 85 -3.72 -15.14 -19.94
CA ALA A 85 -2.96 -14.29 -19.05
C ALA A 85 -3.28 -14.56 -17.58
N MET A 86 -4.48 -15.09 -17.26
CA MET A 86 -4.89 -15.43 -15.92
C MET A 86 -4.43 -16.79 -15.39
N ARG A 87 -3.79 -17.61 -16.24
CA ARG A 87 -3.47 -19.01 -15.89
C ARG A 87 -2.77 -19.13 -14.55
N PHE A 88 -1.85 -18.22 -14.27
CA PHE A 88 -1.02 -18.32 -13.06
C PHE A 88 -1.39 -17.27 -12.03
N HIS A 89 -2.49 -16.57 -12.19
CA HIS A 89 -2.88 -15.56 -11.24
C HIS A 89 -3.90 -16.04 -10.23
N GLY A 90 -3.60 -15.84 -8.96
CA GLY A 90 -4.63 -15.69 -7.94
C GLY A 90 -5.28 -14.32 -8.11
N ARG A 91 -6.30 -14.04 -7.32
CA ARG A 91 -7.05 -12.81 -7.51
CA ARG A 91 -7.05 -12.80 -7.51
C ARG A 91 -6.19 -11.59 -7.16
N GLY A 92 -5.36 -11.71 -6.11
CA GLY A 92 -4.51 -10.56 -5.72
C GLY A 92 -3.56 -10.17 -6.80
N THR A 93 -2.87 -11.15 -7.39
CA THR A 93 -1.94 -10.88 -8.49
C THR A 93 -2.66 -10.46 -9.78
N ALA A 94 -3.92 -10.90 -10.00
CA ALA A 94 -4.71 -10.41 -11.10
C ALA A 94 -4.98 -8.90 -10.96
N TRP A 95 -5.32 -8.48 -9.75
CA TRP A 95 -5.45 -7.04 -9.46
C TRP A 95 -4.11 -6.33 -9.67
N ASN A 96 -3.01 -6.95 -9.26
CA ASN A 96 -1.69 -6.41 -9.52
C ASN A 96 -1.37 -6.27 -11.02
N HIS A 97 -1.80 -7.23 -11.83
CA HIS A 97 -1.63 -7.15 -13.29
C HIS A 97 -2.38 -5.95 -13.86
N ILE A 98 -3.61 -5.75 -13.39
CA ILE A 98 -4.41 -4.59 -13.80
C ILE A 98 -3.64 -3.32 -13.43
N ALA A 99 -3.15 -3.24 -12.20
CA ALA A 99 -2.41 -2.03 -11.78
C ALA A 99 -1.15 -1.85 -12.62
N MET A 100 -0.50 -2.92 -13.01
CA MET A 100 0.69 -2.80 -13.86
CA MET A 100 0.67 -2.83 -13.88
C MET A 100 0.31 -2.28 -15.26
N ASP A 101 -0.77 -2.79 -15.85
CA ASP A 101 -1.22 -2.26 -17.13
C ASP A 101 -1.50 -0.76 -16.99
N GLN A 102 -2.15 -0.36 -15.92
CA GLN A 102 -2.46 1.08 -15.74
C GLN A 102 -1.19 1.90 -15.64
N ALA A 103 -0.21 1.40 -14.92
CA ALA A 103 1.03 2.16 -14.67
C ALA A 103 1.83 2.28 -15.98
N ILE A 104 1.88 1.21 -16.79
CA ILE A 104 2.56 1.24 -18.12
C ILE A 104 1.86 2.26 -19.00
N ALA A 105 0.52 2.25 -19.00
CA ALA A 105 -0.24 3.19 -19.85
C ALA A 105 -0.01 4.64 -19.40
N ASP A 106 -0.02 4.87 -18.08
CA ASP A 106 0.21 6.18 -17.48
C ASP A 106 1.59 6.71 -17.81
N ALA A 107 2.59 5.84 -17.69
CA ALA A 107 3.97 6.22 -18.00
C ALA A 107 4.21 6.39 -19.50
N GLY A 108 3.34 5.82 -20.32
CA GLY A 108 3.48 5.89 -21.80
C GLY A 108 4.63 5.07 -22.33
N LEU A 109 4.95 3.97 -21.68
CA LEU A 109 6.12 3.17 -22.04
C LEU A 109 5.85 2.33 -23.26
N THR A 110 6.87 2.26 -24.11
CA THR A 110 6.89 1.30 -25.18
C THR A 110 7.19 -0.12 -24.68
N GLU A 111 6.94 -1.11 -25.54
CA GLU A 111 7.24 -2.51 -25.19
C GLU A 111 8.74 -2.68 -24.87
N GLU A 112 9.58 -1.99 -25.61
CA GLU A 112 11.01 -2.07 -25.42
C GLU A 112 11.42 -1.47 -24.09
N GLU A 113 10.66 -0.48 -23.61
CA GLU A 113 10.97 0.22 -22.34
C GLU A 113 10.51 -0.64 -21.15
N VAL A 114 9.52 -1.50 -21.36
CA VAL A 114 9.07 -2.43 -20.33
C VAL A 114 10.04 -3.62 -20.21
N SER A 115 10.48 -4.12 -21.37
CA SER A 115 11.26 -5.38 -21.48
C SER A 115 12.71 -5.13 -21.95
N ASN A 116 13.61 -4.98 -20.99
CA ASN A 116 15.02 -4.76 -21.29
C ASN A 116 15.86 -5.02 -20.04
N GLU A 117 17.16 -5.19 -20.23
CA GLU A 117 18.03 -5.59 -19.12
C GLU A 117 18.15 -4.54 -18.03
N ARG A 118 17.80 -3.29 -18.35
CA ARG A 118 17.93 -2.19 -17.39
C ARG A 118 16.66 -1.93 -16.59
N THR A 119 15.64 -2.75 -16.81
CA THR A 119 14.33 -2.57 -16.24
C THR A 119 13.89 -3.81 -15.44
N GLY A 120 13.55 -3.62 -14.18
CA GLY A 120 13.22 -4.74 -13.28
C GLY A 120 11.93 -4.59 -12.56
N ILE A 121 11.69 -5.52 -11.64
CA ILE A 121 10.41 -5.58 -10.88
C ILE A 121 10.66 -6.09 -9.48
N ILE A 122 10.19 -5.33 -8.48
CA ILE A 122 10.16 -5.78 -7.08
C ILE A 122 8.71 -5.56 -6.65
N MET A 123 7.98 -6.68 -6.51
CA MET A 123 6.52 -6.64 -6.37
C MET A 123 6.14 -7.71 -5.36
N GLY A 124 5.51 -7.35 -4.25
CA GLY A 124 5.25 -8.30 -3.19
C GLY A 124 3.85 -8.39 -2.69
N SER A 125 3.61 -9.38 -1.86
CA SER A 125 2.34 -9.53 -1.21
C SER A 125 2.61 -9.98 0.23
N GLY A 126 1.71 -9.71 1.17
CA GLY A 126 1.94 -10.08 2.54
C GLY A 126 1.82 -11.55 2.76
N GLY A 127 1.02 -12.17 1.91
CA GLY A 127 0.96 -13.63 1.78
C GLY A 127 0.69 -14.04 0.35
N PRO A 128 0.78 -15.35 0.08
CA PRO A 128 0.41 -15.75 -1.29
C PRO A 128 -1.09 -15.98 -1.33
N SER A 129 -1.58 -16.62 -2.37
CA SER A 129 -2.98 -16.93 -2.48
C SER A 129 -3.36 -18.03 -1.47
N THR A 130 -3.85 -17.62 -0.30
CA THR A 130 -4.29 -18.55 0.69
C THR A 130 -5.44 -19.40 0.14
N ARG A 131 -6.28 -18.79 -0.69
CA ARG A 131 -7.39 -19.57 -1.25
CA ARG A 131 -7.39 -19.50 -1.32
C ARG A 131 -6.89 -20.70 -2.13
N THR A 132 -5.84 -20.46 -2.94
CA THR A 132 -5.29 -21.55 -3.75
C THR A 132 -4.81 -22.69 -2.87
N ILE A 133 -4.11 -22.34 -1.80
CA ILE A 133 -3.56 -23.33 -0.86
C ILE A 133 -4.66 -24.19 -0.22
N VAL A 134 -5.71 -23.51 0.25
CA VAL A 134 -6.85 -24.22 0.89
C VAL A 134 -7.62 -25.05 -0.13
N ASP A 135 -7.97 -24.47 -1.28
CA ASP A 135 -8.70 -25.19 -2.29
C ASP A 135 -7.90 -26.46 -2.69
N SER A 136 -6.58 -26.31 -2.82
CA SER A 136 -5.72 -27.41 -3.22
C SER A 136 -5.76 -28.55 -2.16
N ALA A 137 -5.66 -28.21 -0.90
CA ALA A 137 -5.70 -29.19 0.17
C ALA A 137 -7.05 -29.86 0.20
N ASP A 138 -8.12 -29.11 0.03
CA ASP A 138 -9.50 -29.67 0.04
C ASP A 138 -9.64 -30.65 -1.14
N ILE A 139 -9.23 -30.25 -2.34
CA ILE A 139 -9.48 -31.08 -3.51
C ILE A 139 -8.61 -32.33 -3.46
N THR A 140 -7.39 -32.22 -2.90
CA THR A 140 -6.53 -33.37 -2.70
C THR A 140 -7.24 -34.45 -1.90
N ARG A 141 -7.89 -34.02 -0.83
CA ARG A 141 -8.50 -34.97 0.09
C ARG A 141 -9.85 -35.48 -0.42
N GLU A 142 -10.56 -34.67 -1.18
CA GLU A 142 -11.87 -35.07 -1.74
C GLU A 142 -11.81 -35.84 -3.05
N LYS A 143 -10.94 -35.41 -3.96
CA LYS A 143 -10.89 -35.96 -5.32
C LYS A 143 -9.52 -36.47 -5.75
N GLY A 144 -8.43 -36.25 -4.98
CA GLY A 144 -7.09 -36.75 -5.29
C GLY A 144 -6.13 -35.67 -5.71
N PRO A 145 -4.82 -35.85 -5.52
CA PRO A 145 -3.83 -34.83 -5.85
C PRO A 145 -3.85 -34.31 -7.30
N LYS A 146 -4.11 -35.19 -8.26
CA LYS A 146 -4.11 -34.73 -9.65
C LYS A 146 -5.10 -33.59 -9.86
N ARG A 147 -6.20 -33.59 -9.12
CA ARG A 147 -7.25 -32.60 -9.30
C ARG A 147 -6.92 -31.23 -8.75
N VAL A 148 -5.75 -31.08 -8.11
CA VAL A 148 -5.22 -29.75 -7.80
C VAL A 148 -4.91 -28.98 -9.06
N GLY A 149 -4.57 -29.72 -10.12
CA GLY A 149 -4.18 -29.11 -11.38
C GLY A 149 -2.75 -28.67 -11.37
N PRO A 150 -2.22 -28.29 -12.54
CA PRO A 150 -0.80 -28.08 -12.71
C PRO A 150 -0.35 -26.64 -12.57
N PHE A 151 -1.26 -25.72 -12.23
CA PHE A 151 -0.94 -24.28 -12.24
C PHE A 151 -0.95 -23.61 -10.87
N ALA A 152 -1.00 -24.41 -9.81
CA ALA A 152 -1.12 -23.92 -8.44
C ALA A 152 0.13 -23.33 -7.82
N VAL A 153 1.33 -23.84 -8.15
CA VAL A 153 2.55 -23.36 -7.47
C VAL A 153 2.75 -21.87 -7.61
N PRO A 154 2.66 -21.29 -8.84
CA PRO A 154 2.98 -19.86 -8.94
C PRO A 154 1.97 -18.93 -8.26
N LYS A 155 0.78 -19.46 -7.92
CA LYS A 155 -0.22 -18.73 -7.13
C LYS A 155 0.02 -18.83 -5.66
N ALA A 156 0.54 -19.98 -5.23
CA ALA A 156 0.71 -20.27 -3.83
C ALA A 156 2.04 -19.84 -3.23
N MET A 157 3.03 -19.58 -4.08
CA MET A 157 4.38 -19.21 -3.59
C MET A 157 4.44 -17.74 -3.19
N SER A 158 5.34 -17.39 -2.28
CA SER A 158 5.39 -16.04 -1.76
C SER A 158 5.81 -15.00 -2.79
N SER A 159 6.45 -15.46 -3.84
CA SER A 159 6.91 -14.60 -4.96
C SER A 159 5.89 -14.43 -6.06
N THR A 160 4.66 -14.84 -5.84
CA THR A 160 3.65 -14.83 -6.87
C THR A 160 3.52 -13.50 -7.62
N ALA A 161 3.55 -12.39 -6.91
CA ALA A 161 3.37 -11.10 -7.58
C ALA A 161 4.53 -10.78 -8.54
N SER A 162 5.78 -11.08 -8.18
CA SER A 162 6.88 -10.82 -9.07
C SER A 162 6.99 -11.83 -10.19
N ALA A 163 6.80 -13.09 -9.87
CA ALA A 163 6.94 -14.17 -10.85
C ALA A 163 5.93 -14.01 -12.00
N THR A 164 4.66 -13.78 -11.63
CA THR A 164 3.59 -13.75 -12.63
C THR A 164 3.80 -12.54 -13.54
N LEU A 165 4.08 -11.38 -12.94
CA LEU A 165 4.21 -10.16 -13.74
C LEU A 165 5.52 -10.12 -14.50
N ALA A 166 6.61 -10.62 -13.90
CA ALA A 166 7.85 -10.60 -14.64
C ALA A 166 7.77 -11.47 -15.88
N THR A 167 7.09 -12.62 -15.73
CA THR A 167 6.97 -13.55 -16.85
C THR A 167 6.04 -12.94 -17.94
N PHE A 168 4.88 -12.46 -17.54
CA PHE A 168 3.93 -11.94 -18.51
C PHE A 168 4.41 -10.69 -19.25
N PHE A 169 5.03 -9.74 -18.52
CA PHE A 169 5.53 -8.51 -19.10
C PHE A 169 6.96 -8.58 -19.63
N LYS A 170 7.53 -9.77 -19.59
CA LYS A 170 8.81 -10.05 -20.23
C LYS A 170 9.92 -9.20 -19.62
N ILE A 171 9.88 -9.09 -18.30
CA ILE A 171 10.90 -8.35 -17.54
C ILE A 171 12.23 -9.10 -17.64
N LYS A 172 13.33 -8.40 -17.89
CA LYS A 172 14.63 -9.01 -18.07
C LYS A 172 15.67 -8.64 -17.00
N GLY A 173 15.37 -7.62 -16.22
CA GLY A 173 16.29 -7.16 -15.15
C GLY A 173 16.05 -7.86 -13.82
N ILE A 174 16.03 -7.08 -12.74
CA ILE A 174 15.77 -7.62 -11.39
C ILE A 174 14.38 -8.24 -11.36
N ASN A 175 14.20 -9.34 -10.62
CA ASN A 175 12.89 -9.99 -10.44
C ASN A 175 12.86 -10.75 -9.11
N TYR A 176 12.19 -10.17 -8.13
CA TYR A 176 11.89 -10.84 -6.86
C TYR A 176 10.85 -10.09 -6.08
N SER A 177 10.41 -10.68 -4.98
CA SER A 177 9.44 -10.08 -4.10
C SER A 177 10.08 -9.77 -2.79
N ILE A 178 9.73 -8.66 -2.18
CA ILE A 178 9.97 -8.43 -0.75
C ILE A 178 8.64 -8.61 -0.03
N SER A 179 8.69 -9.26 1.14
CA SER A 179 7.53 -9.26 2.02
CA SER A 179 7.55 -9.44 2.02
C SER A 179 7.94 -8.91 3.42
N SER A 180 7.03 -8.17 4.07
CA SER A 180 7.24 -7.60 5.38
C SER A 180 5.87 -7.18 5.95
N ALA A 181 4.90 -8.06 5.76
CA ALA A 181 3.57 -7.85 6.26
C ALA A 181 3.01 -6.54 5.77
N CYS A 182 2.49 -5.68 6.63
CA CYS A 182 1.89 -4.46 6.16
C CYS A 182 2.93 -3.41 5.65
N ALA A 183 4.22 -3.65 5.91
CA ALA A 183 5.32 -2.87 5.31
C ALA A 183 5.71 -3.28 3.88
N THR A 184 5.17 -4.39 3.40
CA THR A 184 5.64 -5.05 2.18
C THR A 184 5.92 -4.08 1.03
N SER A 185 4.92 -3.38 0.56
CA SER A 185 5.14 -2.61 -0.66
C SER A 185 5.88 -1.32 -0.42
N ASN A 186 6.01 -0.85 0.82
CA ASN A 186 6.95 0.25 1.09
C ASN A 186 8.42 -0.22 0.91
N HIS A 187 8.74 -1.41 1.42
CA HIS A 187 10.07 -1.98 1.20
C HIS A 187 10.31 -2.31 -0.25
N CYS A 188 9.28 -2.75 -0.99
CA CYS A 188 9.45 -3.02 -2.40
C CYS A 188 9.86 -1.74 -3.16
N ILE A 189 9.15 -0.64 -2.88
CA ILE A 189 9.48 0.65 -3.48
C ILE A 189 10.86 1.12 -3.04
N GLY A 190 11.17 1.02 -1.74
CA GLY A 190 12.47 1.47 -1.24
C GLY A 190 13.63 0.70 -1.83
N ASN A 191 13.52 -0.62 -1.90
CA ASN A 191 14.59 -1.40 -2.51
C ASN A 191 14.73 -1.10 -3.99
N ALA A 192 13.61 -0.88 -4.68
CA ALA A 192 13.68 -0.53 -6.10
C ALA A 192 14.33 0.85 -6.29
N TYR A 193 14.04 1.78 -5.41
CA TYR A 193 14.72 3.08 -5.33
C TYR A 193 16.23 2.92 -5.19
N GLU A 194 16.65 2.05 -4.28
CA GLU A 194 18.09 1.80 -4.10
C GLU A 194 18.74 1.25 -5.35
N MET A 195 18.08 0.32 -6.04
CA MET A 195 18.60 -0.29 -7.29
CA MET A 195 18.71 -0.22 -7.23
C MET A 195 18.92 0.79 -8.31
N ILE A 196 18.01 1.75 -8.40
CA ILE A 196 18.24 2.83 -9.38
C ILE A 196 19.28 3.83 -8.89
N GLN A 197 19.24 4.17 -7.60
CA GLN A 197 20.22 5.12 -7.02
C GLN A 197 21.64 4.64 -7.27
N TYR A 198 21.85 3.35 -7.05
CA TYR A 198 23.20 2.82 -7.16
CA TYR A 198 23.17 2.68 -7.17
C TYR A 198 23.57 2.38 -8.59
N GLY A 199 22.68 2.61 -9.55
CA GLY A 199 23.01 2.41 -10.96
C GLY A 199 22.82 1.01 -11.52
N LYS A 200 22.21 0.14 -10.74
CA LYS A 200 22.01 -1.26 -11.20
C LYS A 200 20.87 -1.44 -12.20
N GLN A 201 19.84 -0.60 -12.09
CA GLN A 201 18.73 -0.60 -12.99
C GLN A 201 18.35 0.87 -13.25
N ASP A 202 17.74 1.15 -14.40
CA ASP A 202 17.28 2.50 -14.78
C ASP A 202 15.78 2.70 -14.63
N ARG A 203 15.02 1.59 -14.65
CA ARG A 203 13.56 1.64 -14.51
C ARG A 203 13.18 0.46 -13.66
N MET A 204 12.22 0.66 -12.77
CA MET A 204 11.69 -0.43 -11.93
C MET A 204 10.19 -0.30 -11.84
N PHE A 205 9.49 -1.46 -11.87
CA PHE A 205 8.09 -1.55 -11.45
C PHE A 205 8.10 -2.00 -10.03
N ALA A 206 7.48 -1.23 -9.13
CA ALA A 206 7.54 -1.52 -7.69
C ALA A 206 6.15 -1.39 -7.08
N GLY A 207 5.80 -2.26 -6.14
CA GLY A 207 4.50 -2.20 -5.46
C GLY A 207 4.14 -3.52 -4.89
N GLY A 208 2.86 -3.85 -4.91
CA GLY A 208 2.43 -5.12 -4.35
C GLY A 208 0.93 -5.23 -4.37
N CYS A 209 0.45 -6.30 -3.73
CA CYS A 209 -0.94 -6.67 -3.81
C CYS A 209 -1.32 -7.56 -2.64
N GLU A 210 -2.61 -7.78 -2.48
CA GLU A 210 -3.14 -8.79 -1.57
C GLU A 210 -4.49 -9.21 -2.06
N ASP A 211 -4.77 -10.51 -2.05
CA ASP A 211 -6.12 -10.98 -2.26
C ASP A 211 -6.94 -10.62 -1.00
N LEU A 212 -8.27 -10.64 -1.13
CA LEU A 212 -9.19 -10.53 -0.04
C LEU A 212 -9.96 -11.84 0.00
N ASP A 213 -9.77 -12.63 1.07
CA ASP A 213 -10.36 -13.97 1.14
C ASP A 213 -10.52 -14.38 2.59
N TRP A 214 -11.61 -15.09 2.87
CA TRP A 214 -11.87 -15.52 4.26
C TRP A 214 -10.73 -16.37 4.81
N THR A 215 -10.03 -17.10 3.94
CA THR A 215 -8.93 -17.99 4.40
C THR A 215 -7.72 -17.21 4.95
N LEU A 216 -7.60 -15.94 4.57
CA LEU A 216 -6.64 -15.01 5.19
C LEU A 216 -7.26 -14.19 6.31
N SER A 217 -8.43 -13.63 6.05
CA SER A 217 -9.09 -12.81 7.03
C SER A 217 -9.36 -13.50 8.37
N VAL A 218 -9.67 -14.79 8.35
CA VAL A 218 -9.98 -15.50 9.60
C VAL A 218 -8.79 -15.53 10.53
N LEU A 219 -7.59 -15.48 9.98
CA LEU A 219 -6.40 -15.52 10.81
C LEU A 219 -6.31 -14.29 11.71
N PHE A 220 -6.77 -13.14 11.15
CA PHE A 220 -6.82 -11.89 11.87
C PHE A 220 -8.02 -11.85 12.79
N ASP A 221 -9.16 -12.40 12.37
CA ASP A 221 -10.35 -12.41 13.26
C ASP A 221 -10.04 -13.22 14.54
N ALA A 222 -9.36 -14.32 14.34
CA ALA A 222 -9.02 -15.19 15.43
C ALA A 222 -8.12 -14.56 16.46
N MET A 223 -7.30 -13.59 16.04
CA MET A 223 -6.45 -12.87 16.99
C MET A 223 -7.15 -11.68 17.62
N GLY A 224 -8.39 -11.42 17.22
CA GLY A 224 -9.19 -10.32 17.72
C GLY A 224 -8.74 -8.97 17.19
N ALA A 225 -8.07 -8.93 16.04
CA ALA A 225 -7.38 -7.73 15.53
C ALA A 225 -8.32 -6.82 14.76
N MET A 226 -9.43 -7.36 14.31
CA MET A 226 -10.31 -6.62 13.38
C MET A 226 -11.56 -6.07 14.07
N SER A 227 -12.02 -4.96 13.55
CA SER A 227 -13.20 -4.29 14.06
C SER A 227 -14.43 -5.17 14.08
N SER A 228 -15.16 -5.17 15.20
CA SER A 228 -16.38 -5.96 15.29
C SER A 228 -17.54 -5.22 15.94
N LYS A 229 -17.35 -3.99 16.40
CA LYS A 229 -18.46 -3.28 17.08
C LYS A 229 -19.21 -2.36 16.15
N TYR A 230 -18.80 -2.30 14.88
CA TYR A 230 -19.44 -1.43 13.86
C TYR A 230 -20.01 -2.25 12.72
N ASN A 231 -20.32 -3.53 12.96
CA ASN A 231 -20.83 -4.37 11.85
C ASN A 231 -22.15 -3.84 11.28
N ASP A 232 -22.95 -3.14 12.09
CA ASP A 232 -24.20 -2.59 11.60
C ASP A 232 -24.08 -1.25 10.90
N THR A 233 -22.91 -0.63 11.01
CA THR A 233 -22.56 0.57 10.23
C THR A 233 -21.21 0.41 9.53
N PRO A 234 -21.14 -0.52 8.53
CA PRO A 234 -19.81 -0.93 8.06
C PRO A 234 -18.97 0.22 7.54
N SER A 235 -19.59 1.23 6.94
CA SER A 235 -18.82 2.27 6.28
C SER A 235 -17.94 3.07 7.26
N THR A 236 -18.29 3.09 8.54
CA THR A 236 -17.54 3.85 9.57
C THR A 236 -16.71 2.96 10.51
N ALA A 237 -16.55 1.68 10.18
CA ALA A 237 -15.87 0.77 11.07
C ALA A 237 -14.39 1.05 11.24
N SER A 238 -13.75 1.57 10.19
CA SER A 238 -12.35 1.96 10.26
C SER A 238 -12.30 3.44 10.62
N ARG A 239 -11.61 3.78 11.70
CA ARG A 239 -11.75 5.09 12.32
C ARG A 239 -10.52 5.43 13.11
N ALA A 240 -9.38 5.50 12.41
CA ALA A 240 -8.11 5.82 13.06
C ALA A 240 -8.24 7.11 13.90
N TYR A 241 -7.68 7.04 15.11
CA TYR A 241 -7.68 8.16 16.08
C TYR A 241 -8.98 8.41 16.83
N ASP A 242 -10.06 7.72 16.46
CA ASP A 242 -11.33 7.81 17.22
C ASP A 242 -11.16 7.10 18.57
N LYS A 243 -11.76 7.71 19.60
CA LYS A 243 -11.71 7.17 20.96
C LYS A 243 -12.25 5.73 21.04
N ASN A 244 -13.20 5.40 20.16
CA ASN A 244 -13.84 4.10 20.20
C ASN A 244 -13.43 3.14 19.07
N ARG A 245 -12.28 3.41 18.43
CA ARG A 245 -11.70 2.46 17.47
C ARG A 245 -11.55 1.09 18.13
N ASP A 246 -11.79 0.02 17.37
CA ASP A 246 -11.74 -1.31 17.93
C ASP A 246 -11.10 -2.37 17.04
N GLY A 247 -10.15 -1.96 16.22
CA GLY A 247 -9.45 -2.86 15.34
C GLY A 247 -9.48 -2.43 13.89
N PHE A 248 -8.62 -3.05 13.09
CA PHE A 248 -8.52 -2.66 11.70
C PHE A 248 -9.61 -3.34 10.85
N VAL A 249 -9.78 -2.85 9.64
CA VAL A 249 -10.67 -3.49 8.68
C VAL A 249 -9.81 -3.95 7.52
N ILE A 250 -9.91 -5.22 7.17
CA ILE A 250 -9.10 -5.82 6.14
C ILE A 250 -9.62 -5.52 4.76
N ALA A 251 -8.70 -5.39 3.81
CA ALA A 251 -8.99 -5.05 2.42
C ALA A 251 -8.10 -5.83 1.47
N GLY A 252 -8.44 -5.81 0.18
CA GLY A 252 -7.57 -6.36 -0.86
C GLY A 252 -7.35 -5.30 -1.92
N GLY A 253 -6.38 -5.55 -2.78
CA GLY A 253 -6.13 -4.70 -3.93
C GLY A 253 -4.69 -4.78 -4.35
N ALA A 254 -4.27 -3.74 -5.06
CA ALA A 254 -2.91 -3.68 -5.59
C ALA A 254 -2.50 -2.27 -5.93
N GLY A 255 -1.20 -2.05 -6.06
CA GLY A 255 -0.71 -0.82 -6.66
C GLY A 255 0.69 -1.01 -7.26
N VAL A 256 0.99 -0.17 -8.23
CA VAL A 256 2.27 -0.17 -8.95
C VAL A 256 2.74 1.26 -9.17
N LEU A 257 4.01 1.51 -8.91
CA LEU A 257 4.72 2.72 -9.37
C LEU A 257 5.74 2.33 -10.39
N VAL A 258 5.86 3.16 -11.42
CA VAL A 258 7.01 3.09 -12.33
C VAL A 258 8.05 4.07 -11.79
N LEU A 259 9.25 3.61 -11.51
CA LEU A 259 10.37 4.44 -11.02
C LEU A 259 11.45 4.48 -12.08
N GLU A 260 12.09 5.66 -12.25
CA GLU A 260 13.13 5.85 -13.26
C GLU A 260 14.21 6.74 -12.71
N ASP A 261 15.45 6.54 -13.14
CA ASP A 261 16.47 7.57 -12.82
C ASP A 261 16.07 8.87 -13.50
N LEU A 262 16.43 9.99 -12.90
CA LEU A 262 15.94 11.28 -13.36
C LEU A 262 16.31 11.54 -14.81
N GLU A 263 17.56 11.28 -15.22
CA GLU A 263 17.96 11.54 -16.60
C GLU A 263 17.10 10.75 -17.59
N THR A 264 16.86 9.48 -17.31
CA THR A 264 15.98 8.64 -18.14
C THR A 264 14.59 9.24 -18.28
N ALA A 265 14.03 9.67 -17.16
CA ALA A 265 12.72 10.26 -17.16
C ALA A 265 12.70 11.56 -17.95
N LEU A 266 13.64 12.45 -17.68
CA LEU A 266 13.64 13.74 -18.37
C LEU A 266 13.79 13.57 -19.88
N ALA A 267 14.67 12.68 -20.28
CA ALA A 267 15.02 12.56 -21.70
C ALA A 267 13.89 12.02 -22.55
N ARG A 268 12.97 11.27 -21.92
CA ARG A 268 11.83 10.71 -22.65
C ARG A 268 10.57 11.54 -22.48
N GLY A 269 10.68 12.69 -21.84
CA GLY A 269 9.50 13.51 -21.59
C GLY A 269 8.49 12.86 -20.67
N ALA A 270 8.98 12.15 -19.67
CA ALA A 270 8.10 11.53 -18.70
C ALA A 270 7.26 12.51 -17.90
N LYS A 271 6.10 12.04 -17.44
CA LYS A 271 5.41 12.67 -16.31
C LYS A 271 6.22 12.40 -15.07
N ILE A 272 6.36 13.37 -14.20
CA ILE A 272 7.00 13.16 -12.91
C ILE A 272 6.00 13.48 -11.80
N TYR A 273 5.48 12.42 -11.19
CA TYR A 273 4.50 12.56 -10.10
C TYR A 273 5.18 12.98 -8.80
N GLY A 274 6.47 12.65 -8.69
CA GLY A 274 7.28 13.05 -7.56
C GLY A 274 8.62 12.40 -7.62
N GLU A 275 9.52 12.89 -6.78
CA GLU A 275 10.86 12.36 -6.64
C GLU A 275 10.92 11.65 -5.31
N ILE A 276 11.48 10.44 -5.27
CA ILE A 276 11.74 9.77 -3.99
C ILE A 276 12.96 10.38 -3.38
N VAL A 277 12.81 10.98 -2.21
CA VAL A 277 13.94 11.70 -1.58
C VAL A 277 14.38 11.12 -0.26
N GLY A 278 13.64 10.15 0.27
CA GLY A 278 14.04 9.45 1.49
C GLY A 278 13.39 8.10 1.65
N TYR A 279 14.12 7.19 2.29
CA TYR A 279 13.65 5.83 2.58
C TYR A 279 14.27 5.39 3.88
N GLY A 280 13.41 4.97 4.81
CA GLY A 280 13.87 4.36 6.07
C GLY A 280 13.35 2.96 6.21
N ALA A 281 14.19 2.10 6.82
CA ALA A 281 13.86 0.73 7.10
C ALA A 281 14.57 0.32 8.36
N THR A 282 13.78 -0.06 9.39
CA THR A 282 14.34 -0.50 10.66
C THR A 282 13.52 -1.64 11.22
N SER A 283 13.93 -2.09 12.41
CA SER A 283 13.35 -3.24 13.13
C SER A 283 13.21 -2.91 14.60
N ASP A 284 12.04 -3.25 15.17
CA ASP A 284 11.80 -3.00 16.59
C ASP A 284 12.58 -3.98 17.49
N GLY A 285 12.64 -5.24 17.08
CA GLY A 285 13.28 -6.25 17.92
C GLY A 285 12.60 -6.34 19.28
N TYR A 286 11.26 -6.31 19.29
CA TYR A 286 10.49 -6.17 20.54
C TYR A 286 9.30 -7.16 20.60
N ASP A 287 8.21 -6.83 19.93
CA ASP A 287 6.98 -7.64 20.04
C ASP A 287 6.50 -8.01 18.65
N MET A 288 5.93 -9.19 18.53
CA MET A 288 5.41 -9.66 17.23
C MET A 288 4.26 -8.86 16.65
N VAL A 289 3.38 -8.34 17.51
CA VAL A 289 2.16 -7.67 17.04
C VAL A 289 2.12 -6.17 17.33
N ALA A 290 2.67 -5.78 18.46
CA ALA A 290 2.56 -4.43 18.92
C ALA A 290 3.84 -3.72 18.50
N PRO A 291 3.74 -2.49 18.02
CA PRO A 291 4.97 -1.72 17.79
C PRO A 291 5.65 -1.20 19.07
N SER A 292 6.94 -0.96 19.03
CA SER A 292 7.66 -0.43 20.17
C SER A 292 7.61 1.09 20.22
N GLY A 293 7.46 1.73 19.06
CA GLY A 293 7.51 3.21 18.96
C GLY A 293 8.91 3.67 18.63
N GLU A 294 9.92 3.20 19.38
CA GLU A 294 11.29 3.66 19.15
C GLU A 294 11.81 3.22 17.76
N GLY A 295 11.35 2.09 17.26
CA GLY A 295 11.74 1.63 15.93
C GLY A 295 11.22 2.60 14.85
N ALA A 296 10.00 3.04 15.03
CA ALA A 296 9.37 3.99 14.14
C ALA A 296 10.10 5.33 14.13
N ILE A 297 10.57 5.79 15.31
CA ILE A 297 11.31 7.02 15.37
C ILE A 297 12.61 6.87 14.52
N ARG A 298 13.32 5.76 14.70
CA ARG A 298 14.54 5.56 13.95
C ARG A 298 14.26 5.45 12.46
N CYS A 299 13.13 4.85 12.09
CA CYS A 299 12.78 4.70 10.67
C CYS A 299 12.45 6.02 10.01
N MET A 300 11.66 6.83 10.70
CA MET A 300 11.36 8.17 10.18
C MET A 300 12.63 9.02 10.11
N LYS A 301 13.49 8.95 11.12
CA LYS A 301 14.72 9.79 11.08
C LYS A 301 15.60 9.35 9.90
N MET A 302 15.65 8.04 9.65
CA MET A 302 16.40 7.54 8.53
C MET A 302 15.88 8.08 7.20
N ALA A 303 14.55 8.06 7.01
CA ALA A 303 13.94 8.59 5.80
C ALA A 303 14.21 10.07 5.68
N LEU A 304 14.18 10.79 6.79
CA LEU A 304 14.32 12.25 6.78
C LEU A 304 15.76 12.72 6.67
N SER A 305 16.71 11.79 6.87
CA SER A 305 18.12 12.20 6.91
C SER A 305 18.63 12.78 5.60
N THR A 306 17.93 12.49 4.49
CA THR A 306 18.28 12.88 3.13
C THR A 306 17.29 13.89 2.59
N VAL A 307 16.46 14.47 3.48
CA VAL A 307 15.39 15.38 3.05
C VAL A 307 15.73 16.78 3.59
N THR A 308 15.68 17.80 2.73
CA THR A 308 16.01 19.14 3.19
C THR A 308 14.79 20.03 3.42
N SER A 309 13.67 19.67 2.81
CA SER A 309 12.47 20.50 2.89
CA SER A 309 12.43 20.45 2.84
C SER A 309 11.56 20.08 4.06
N LYS A 310 10.66 20.96 4.45
CA LYS A 310 9.70 20.56 5.46
C LYS A 310 8.74 19.51 4.92
N ILE A 311 8.17 18.74 5.83
CA ILE A 311 7.14 17.79 5.45
C ILE A 311 5.76 18.48 5.51
N ASP A 312 4.99 18.40 4.43
CA ASP A 312 3.70 19.08 4.33
C ASP A 312 2.47 18.23 4.66
N TYR A 313 2.68 16.91 4.75
CA TYR A 313 1.60 15.95 5.01
C TYR A 313 2.23 14.61 5.41
N ILE A 314 1.65 14.01 6.46
CA ILE A 314 1.99 12.65 6.93
C ILE A 314 0.82 11.71 6.64
N ASN A 315 1.10 10.67 5.88
CA ASN A 315 0.20 9.55 5.70
C ASN A 315 0.68 8.46 6.67
N PRO A 316 0.00 8.31 7.83
CA PRO A 316 0.51 7.44 8.88
C PRO A 316 0.23 5.98 8.56
N HIS A 317 0.84 5.10 9.34
CA HIS A 317 0.48 3.71 9.34
C HIS A 317 -0.91 3.50 9.90
N ALA A 318 -1.24 4.28 10.94
CA ALA A 318 -2.51 4.20 11.71
C ALA A 318 -3.60 3.30 11.14
N THR A 319 -3.79 2.17 11.78
CA THR A 319 -4.70 1.15 11.26
C THR A 319 -6.07 1.08 11.96
N SER A 320 -6.32 1.94 12.97
CA SER A 320 -7.57 1.95 13.74
C SER A 320 -7.58 0.94 14.86
N THR A 321 -6.41 0.68 15.42
CA THR A 321 -6.29 -0.25 16.55
C THR A 321 -5.97 0.54 17.81
N PRO A 322 -6.51 0.09 18.96
CA PRO A 322 -6.16 0.69 20.25
C PRO A 322 -4.64 0.80 20.44
N ALA A 323 -3.93 -0.32 20.28
CA ALA A 323 -2.50 -0.41 20.60
C ALA A 323 -1.54 0.11 19.52
N GLY A 324 -2.01 0.26 18.29
CA GLY A 324 -1.15 0.69 17.20
C GLY A 324 -1.14 2.18 16.91
N ASP A 325 -2.28 2.85 16.99
CA ASP A 325 -2.32 4.22 16.49
C ASP A 325 -1.44 5.09 17.42
N ALA A 326 -1.42 4.78 18.73
CA ALA A 326 -0.80 5.68 19.73
C ALA A 326 0.76 5.74 19.73
N PRO A 327 1.46 4.61 19.68
CA PRO A 327 2.94 4.70 19.64
C PRO A 327 3.49 5.45 18.41
N GLU A 328 2.80 5.33 17.29
CA GLU A 328 3.19 6.08 16.08
C GLU A 328 3.00 7.56 16.31
N ILE A 329 1.89 7.96 16.94
CA ILE A 329 1.64 9.39 17.24
C ILE A 329 2.74 9.93 18.16
N GLU A 330 3.14 9.14 19.15
CA GLU A 330 4.22 9.56 20.05
C GLU A 330 5.54 9.72 19.29
N ALA A 331 5.82 8.81 18.35
CA ALA A 331 7.01 8.89 17.53
C ALA A 331 6.99 10.14 16.66
N ILE A 332 5.84 10.45 16.07
CA ILE A 332 5.69 11.68 15.29
C ILE A 332 5.92 12.91 16.18
N ARG A 333 5.33 12.90 17.36
CA ARG A 333 5.53 13.99 18.34
C ARG A 333 6.99 14.21 18.63
N GLN A 334 7.73 13.12 18.84
CA GLN A 334 9.15 13.16 19.18
CA GLN A 334 9.12 13.23 19.20
C GLN A 334 9.99 13.80 18.10
N ILE A 335 9.64 13.53 16.83
CA ILE A 335 10.36 14.08 15.69
C ILE A 335 9.89 15.46 15.29
N PHE A 336 8.59 15.67 15.19
CA PHE A 336 8.03 16.86 14.57
C PHE A 336 7.48 17.89 15.55
N GLY A 337 7.27 17.46 16.81
CA GLY A 337 6.54 18.27 17.78
C GLY A 337 5.05 18.06 17.66
N ALA A 338 4.30 18.93 18.36
CA ALA A 338 2.87 18.83 18.49
C ALA A 338 2.23 20.04 17.86
N GLY A 339 0.92 19.99 17.67
CA GLY A 339 0.19 21.18 17.23
C GLY A 339 0.59 21.64 15.83
N ASP A 340 0.49 22.95 15.59
CA ASP A 340 0.69 23.55 14.27
C ASP A 340 2.04 23.36 13.64
N VAL A 341 3.09 23.15 14.45
CA VAL A 341 4.41 22.94 13.89
C VAL A 341 4.55 21.52 13.31
N CYS A 342 3.71 20.59 13.75
CA CYS A 342 3.68 19.22 13.17
C CYS A 342 2.93 19.24 11.85
N PRO A 343 3.44 18.47 10.85
CA PRO A 343 2.71 18.35 9.59
C PRO A 343 1.28 17.82 9.83
N PRO A 344 0.29 18.26 9.04
CA PRO A 344 -1.03 17.61 9.04
C PRO A 344 -0.97 16.11 8.85
N ILE A 345 -1.77 15.39 9.63
CA ILE A 345 -1.82 13.92 9.62
C ILE A 345 -3.22 13.50 9.19
N ALA A 346 -3.33 12.66 8.17
CA ALA A 346 -4.63 12.11 7.81
C ALA A 346 -4.50 10.65 7.43
N ALA A 347 -5.19 9.82 8.21
CA ALA A 347 -5.19 8.37 8.07
C ALA A 347 -6.15 7.90 6.99
N THR A 348 -5.59 7.56 5.82
CA THR A 348 -6.38 7.07 4.70
C THR A 348 -7.02 5.72 4.99
N LYS A 349 -6.46 4.93 5.92
CA LYS A 349 -7.08 3.64 6.20
C LYS A 349 -8.50 3.75 6.77
N SER A 350 -8.87 4.90 7.30
CA SER A 350 -10.23 5.10 7.77
C SER A 350 -11.22 4.98 6.59
N LEU A 351 -10.77 5.32 5.39
CA LEU A 351 -11.59 5.12 4.20
C LEU A 351 -11.33 3.75 3.56
N THR A 352 -10.11 3.30 3.55
CA THR A 352 -9.73 2.18 2.65
C THR A 352 -9.66 0.81 3.30
N GLY A 353 -9.54 0.81 4.63
CA GLY A 353 -9.08 -0.36 5.32
C GLY A 353 -7.63 -0.62 5.06
N HIS A 354 -7.24 -1.81 5.45
CA HIS A 354 -5.89 -2.21 5.48
C HIS A 354 -5.68 -3.36 4.50
N SER A 355 -4.94 -3.15 3.41
CA SER A 355 -4.73 -4.16 2.37
C SER A 355 -3.38 -4.86 2.45
N LEU A 356 -2.78 -4.89 3.64
CA LEU A 356 -1.66 -5.74 3.97
C LEU A 356 -0.51 -5.46 2.97
N GLY A 357 -0.17 -6.40 2.09
CA GLY A 357 0.87 -6.23 1.07
C GLY A 357 0.70 -5.02 0.15
N ALA A 358 -0.54 -4.66 -0.15
CA ALA A 358 -0.80 -3.53 -1.04
C ALA A 358 -0.73 -2.18 -0.37
N THR A 359 -0.77 -2.12 0.96
CA THR A 359 -0.95 -0.85 1.71
CA THR A 359 -1.08 -0.82 1.56
C THR A 359 0.05 0.22 1.34
N GLY A 360 1.32 -0.14 1.40
CA GLY A 360 2.38 0.84 1.23
C GLY A 360 2.30 1.59 -0.11
N VAL A 361 2.23 0.83 -1.19
CA VAL A 361 2.18 1.42 -2.51
C VAL A 361 0.86 2.20 -2.68
N GLN A 362 -0.24 1.67 -2.19
CA GLN A 362 -1.48 2.40 -2.32
C GLN A 362 -1.42 3.74 -1.60
N GLU A 363 -0.84 3.77 -0.41
CA GLU A 363 -0.69 5.01 0.35
C GLU A 363 0.29 5.99 -0.29
N ALA A 364 1.33 5.46 -0.97
CA ALA A 364 2.18 6.30 -1.78
C ALA A 364 1.37 6.98 -2.87
N ILE A 365 0.54 6.19 -3.55
CA ILE A 365 -0.32 6.71 -4.60
C ILE A 365 -1.34 7.75 -4.07
N TYR A 366 -2.00 7.45 -2.96
CA TYR A 366 -2.92 8.43 -2.37
C TYR A 366 -2.21 9.75 -2.10
N SER A 367 -1.03 9.64 -1.52
CA SER A 367 -0.25 10.84 -1.17
C SER A 367 0.19 11.62 -2.41
N LEU A 368 0.61 10.93 -3.46
CA LEU A 368 1.03 11.59 -4.70
C LEU A 368 -0.19 12.22 -5.38
N LEU A 369 -1.36 11.58 -5.27
CA LEU A 369 -2.57 12.13 -5.90
C LEU A 369 -3.02 13.37 -5.13
N MET A 370 -2.90 13.38 -3.83
CA MET A 370 -3.19 14.56 -3.03
CA MET A 370 -3.22 14.56 -3.06
C MET A 370 -2.23 15.70 -3.38
N MET A 371 -0.96 15.36 -3.54
CA MET A 371 0.02 16.39 -3.94
CA MET A 371 0.02 16.37 -3.95
C MET A 371 -0.36 16.95 -5.33
N GLN A 372 -0.73 16.08 -6.25
CA GLN A 372 -1.07 16.50 -7.59
C GLN A 372 -2.28 17.45 -7.57
N ASN A 373 -3.20 17.22 -6.66
CA ASN A 373 -4.51 17.90 -6.67
C ASN A 373 -4.68 18.97 -5.59
N ASN A 374 -3.61 19.28 -4.85
CA ASN A 374 -3.60 20.38 -3.90
C ASN A 374 -4.64 20.27 -2.79
N PHE A 375 -4.82 19.08 -2.22
CA PHE A 375 -5.68 18.92 -1.08
C PHE A 375 -5.17 17.83 -0.15
N ILE A 376 -5.60 17.91 1.11
CA ILE A 376 -5.37 16.82 2.08
C ILE A 376 -6.71 16.33 2.54
N CYS A 377 -6.95 15.04 2.41
CA CYS A 377 -8.22 14.45 2.77
C CYS A 377 -8.46 14.52 4.29
N GLU A 378 -9.74 14.51 4.65
CA GLU A 378 -10.12 14.26 6.01
C GLU A 378 -9.56 12.93 6.53
N SER A 379 -9.19 12.88 7.80
CA SER A 379 -8.94 11.64 8.49
C SER A 379 -10.34 11.22 8.97
N ALA A 380 -10.93 10.30 8.23
CA ALA A 380 -12.36 10.04 8.31
C ALA A 380 -12.83 9.31 9.57
N HIS A 381 -14.12 9.47 9.84
CA HIS A 381 -14.88 8.67 10.84
C HIS A 381 -14.47 8.94 12.25
N ILE A 382 -13.91 10.11 12.50
CA ILE A 382 -13.58 10.54 13.86
C ILE A 382 -14.83 11.24 14.42
N GLU A 383 -15.60 10.47 15.16
CA GLU A 383 -16.84 10.92 15.81
C GLU A 383 -16.47 11.56 17.14
N GLU A 384 -15.52 10.93 17.82
CA GLU A 384 -14.95 11.48 19.06
C GLU A 384 -13.45 11.22 19.06
N LEU A 385 -12.67 12.31 18.92
CA LEU A 385 -11.21 12.17 18.92
C LEU A 385 -10.74 11.58 20.28
N ASP A 386 -9.83 10.63 20.22
CA ASP A 386 -9.19 10.12 21.42
C ASP A 386 -8.47 11.32 22.08
N PRO A 387 -8.77 11.61 23.35
CA PRO A 387 -8.08 12.71 24.01
C PRO A 387 -6.56 12.64 24.03
N ALA A 388 -5.97 11.44 23.90
CA ALA A 388 -4.50 11.27 23.87
C ALA A 388 -3.90 11.98 22.67
N PHE A 389 -4.73 12.25 21.66
CA PHE A 389 -4.25 12.86 20.42
C PHE A 389 -4.74 14.28 20.18
N ALA A 390 -5.32 14.92 21.19
CA ALA A 390 -5.95 16.22 21.03
C ALA A 390 -4.95 17.33 20.71
N ASP A 391 -3.68 17.08 20.97
CA ASP A 391 -2.66 18.07 20.73
C ASP A 391 -2.11 18.00 19.29
N MET A 392 -2.59 17.06 18.49
CA MET A 392 -1.93 16.75 17.20
C MET A 392 -2.81 17.25 16.05
N PRO A 393 -2.18 17.64 14.91
CA PRO A 393 -2.95 18.18 13.76
C PRO A 393 -3.55 17.09 12.86
N ILE A 394 -4.34 16.22 13.46
CA ILE A 394 -5.14 15.26 12.75
C ILE A 394 -6.27 15.97 12.00
N VAL A 395 -6.32 15.76 10.69
CA VAL A 395 -7.17 16.52 9.82
C VAL A 395 -8.64 16.13 10.02
N ARG A 396 -9.46 17.08 10.49
CA ARG A 396 -10.87 16.79 10.80
C ARG A 396 -11.81 17.14 9.66
N LYS A 397 -11.32 17.91 8.68
CA LYS A 397 -12.08 18.34 7.51
C LYS A 397 -11.08 18.52 6.39
N ARG A 398 -11.47 18.12 5.18
CA ARG A 398 -10.58 18.25 4.05
C ARG A 398 -9.99 19.65 3.94
N ILE A 399 -8.67 19.73 3.68
CA ILE A 399 -7.98 21.00 3.49
C ILE A 399 -7.79 21.24 2.00
N ASP A 400 -8.30 22.36 1.49
CA ASP A 400 -8.23 22.67 0.08
C ASP A 400 -7.23 23.76 -0.21
N ASN A 401 -6.85 23.86 -1.48
CA ASN A 401 -5.98 24.91 -1.97
C ASN A 401 -4.69 24.98 -1.20
N VAL A 402 -4.10 23.81 -0.96
CA VAL A 402 -2.87 23.78 -0.22
C VAL A 402 -1.81 23.23 -1.19
N GLN A 403 -0.62 23.84 -1.18
CA GLN A 403 0.43 23.35 -2.04
C GLN A 403 1.26 22.41 -1.21
N LEU A 404 1.21 21.13 -1.56
CA LEU A 404 2.04 20.11 -0.94
C LEU A 404 3.28 19.93 -1.80
N ASN A 405 4.45 19.99 -1.20
CA ASN A 405 5.70 19.76 -1.90
C ASN A 405 6.47 18.55 -1.42
N THR A 406 6.25 18.14 -0.18
CA THR A 406 6.96 16.95 0.35
C THR A 406 5.98 16.21 1.22
N VAL A 407 5.89 14.89 1.00
CA VAL A 407 4.96 14.04 1.75
C VAL A 407 5.67 12.81 2.30
N LEU A 408 5.26 12.37 3.48
CA LEU A 408 5.88 11.24 4.20
C LEU A 408 4.84 10.17 4.46
N SER A 409 5.14 8.92 4.15
CA SER A 409 4.24 7.80 4.44
C SER A 409 4.92 6.70 5.19
N ASN A 410 4.37 6.33 6.34
CA ASN A 410 4.79 5.17 7.10
C ASN A 410 3.95 3.94 6.79
N SER A 411 4.61 2.78 6.75
N SER A 411 4.53 2.77 6.96
CA SER A 411 3.97 1.46 6.84
CA SER A 411 3.80 1.51 6.87
C SER A 411 4.77 0.62 7.82
C SER A 411 4.62 0.49 7.61
N PHE A 412 4.07 0.00 8.75
CA PHE A 412 4.75 -0.83 9.72
C PHE A 412 4.07 -2.22 9.63
N GLY A 413 4.81 -3.27 9.98
CA GLY A 413 4.30 -4.63 9.86
C GLY A 413 4.53 -5.45 11.10
N PHE A 414 3.74 -6.51 11.25
CA PHE A 414 4.00 -7.51 12.27
C PHE A 414 5.46 -7.98 12.20
N GLY A 415 6.03 -8.37 13.33
CA GLY A 415 7.44 -8.71 13.41
C GLY A 415 8.34 -7.49 13.57
N GLY A 416 7.72 -6.36 13.94
CA GLY A 416 8.45 -5.16 14.21
C GLY A 416 9.19 -4.59 13.02
N THR A 417 8.64 -4.73 11.86
CA THR A 417 9.27 -4.25 10.63
C THR A 417 8.70 -2.88 10.21
N ASN A 418 9.60 -1.92 10.00
CA ASN A 418 9.24 -0.52 9.73
C ASN A 418 9.78 -0.07 8.40
N ALA A 419 8.95 0.65 7.64
CA ALA A 419 9.37 1.33 6.40
C ALA A 419 8.72 2.68 6.27
N THR A 420 9.51 3.66 5.86
CA THR A 420 9.05 5.01 5.62
C THR A 420 9.54 5.48 4.28
N LEU A 421 8.67 6.15 3.53
CA LEU A 421 9.05 6.78 2.25
C LEU A 421 8.72 8.26 2.27
N VAL A 422 9.60 9.04 1.67
CA VAL A 422 9.35 10.47 1.48
C VAL A 422 9.42 10.82 -0.01
N PHE A 423 8.37 11.51 -0.50
CA PHE A 423 8.27 11.93 -1.90
C PHE A 423 8.18 13.45 -1.96
N GLN A 424 8.76 14.01 -3.03
CA GLN A 424 8.83 15.46 -3.20
C GLN A 424 8.42 15.89 -4.59
N ARG A 425 7.68 16.98 -4.67
CA ARG A 425 7.33 17.58 -5.96
C ARG A 425 8.63 17.98 -6.67
N TYR A 426 8.76 17.55 -7.91
CA TYR A 426 9.96 17.85 -8.67
C TYR A 426 9.90 19.26 -9.24
N GLN A 427 10.91 20.05 -8.89
CA GLN A 427 11.03 21.44 -9.35
C GLN A 427 12.45 21.68 -9.82
N GLY A 428 13.16 20.64 -10.25
CA GLY A 428 14.55 20.76 -10.68
C GLY A 428 15.52 20.02 -9.81
NA NA B . 1.14 5.42 5.29
CL CL C . 6.49 -11.57 20.89
NA NA D . -15.13 -29.82 -0.07
C10 07K E . 11.71 17.29 11.57
C01 07K E . 12.64 17.29 9.35
C02 07K E . 13.80 16.62 9.83
N03 07K E . 14.87 16.27 9.02
C04 07K E . 14.76 16.57 7.71
C05 07K E . 13.67 17.25 7.12
C06 07K E . 12.60 17.60 7.94
N07 07K E . 11.51 18.25 7.42
C08 07K E . 13.87 16.27 11.21
C09 07K E . 12.85 16.61 12.06
C11 07K E . 11.60 17.61 10.25
C12 07K E . 15.09 15.57 11.70
#